data_2J4F
#
_entry.id   2J4F
#
_cell.length_a   110.700
_cell.length_b   110.700
_cell.length_c   135.000
_cell.angle_alpha   90.00
_cell.angle_beta   90.00
_cell.angle_gamma   120.00
#
_symmetry.space_group_name_H-M   'P 31 2 1'
#
loop_
_entity.id
_entity.type
_entity.pdbx_description
1 polymer ACETYLCHOLINESTERASE
2 non-polymer 'MERCURY (II) ION'
3 water water
#
_entity_poly.entity_id   1
_entity_poly.type   'polypeptide(L)'
_entity_poly.pdbx_seq_one_letter_code
;DDHSELLVNTKSGKVMGTRVPVLSSHISAFLGIPFAEPPVGNMRFRRPEPKKPWSGVWNASTYPNNCQQYVDEQFPGFSG
SEMWNPNREMSEDCLYLNIWVPSPRPKSTTVMVWIYGGGFYSGSSTLDVYNGKYLAYTEEVVLVSLSYRVGAFGFLALHG
SQEAPGNVGLLDQRMALQWVHDNIQFFGGDPKTVTIFGESAGGASVGMHILSPGSRDLFRRAILQSGSPNCPWASVSVAE
GRRRAVELGRNLNCNLNSDEELIHCLREKKPQELIDVEWNVLPFDSIFRFSFVPVIDGEFFPTSLESMLNSGNFKKTQIL
LGVNKDEGSFFLLYGAPGFSKDSESKISREDFMSGVKLSVPHANDLGLDAVTLQYTDWMDDNNGIKNRDGLDDIVGDHNV
ICPLMHFVNKYTKFGNGTYLYFFNHRASNLVWPEWMGVIHGYEIEFVFGLPLVKELNYTAEEEALSRRIMHYWATFAKTG
NPNEPHSQESKWPLFTTKEQKFIDLNTEPMKVHQRLRVQMCVFWNQFLPKLLNATACDGELSS
;
_entity_poly.pdbx_strand_id   A
#
loop_
_chem_comp.id
_chem_comp.type
_chem_comp.name
_chem_comp.formula
HG non-polymer 'MERCURY (II) ION' 'Hg 2'
#
# COMPACT_ATOMS: atom_id res chain seq x y z
N SER A 4 21.43 -15.55 -20.92
CA SER A 4 22.80 -14.94 -20.96
C SER A 4 22.90 -13.67 -20.07
N GLU A 5 22.75 -13.86 -18.77
CA GLU A 5 22.80 -12.77 -17.78
C GLU A 5 21.68 -11.74 -18.00
N LEU A 6 21.83 -10.89 -19.02
CA LEU A 6 20.82 -9.88 -19.31
C LEU A 6 19.65 -10.41 -20.12
N LEU A 7 19.91 -11.32 -21.04
CA LEU A 7 18.81 -11.88 -21.82
C LEU A 7 18.32 -13.11 -21.10
N VAL A 8 17.02 -13.11 -20.81
CA VAL A 8 16.38 -14.20 -20.14
C VAL A 8 15.21 -14.69 -20.95
N ASN A 9 14.97 -15.99 -20.91
CA ASN A 9 13.88 -16.58 -21.65
C ASN A 9 12.89 -16.98 -20.58
N THR A 10 11.62 -16.73 -20.83
CA THR A 10 10.61 -17.05 -19.84
C THR A 10 9.50 -17.75 -20.58
N LYS A 11 8.53 -18.27 -19.84
CA LYS A 11 7.41 -18.95 -20.43
C LYS A 11 6.62 -17.96 -21.27
N SER A 12 6.70 -16.69 -20.92
CA SER A 12 5.99 -15.64 -21.64
C SER A 12 6.73 -15.23 -22.90
N GLY A 13 8.06 -15.36 -22.88
CA GLY A 13 8.86 -15.01 -24.04
C GLY A 13 10.25 -14.61 -23.59
N LYS A 14 11.15 -14.35 -24.54
CA LYS A 14 12.50 -13.93 -24.18
C LYS A 14 12.41 -12.45 -23.84
N VAL A 15 13.08 -12.04 -22.78
CA VAL A 15 13.07 -10.65 -22.33
C VAL A 15 14.50 -10.11 -22.19
N MET A 16 14.82 -9.10 -23.00
CA MET A 16 16.15 -8.47 -22.97
C MET A 16 16.19 -7.39 -21.88
N GLY A 17 16.85 -7.68 -20.77
CA GLY A 17 16.93 -6.70 -19.71
C GLY A 17 18.03 -5.70 -19.92
N THR A 18 18.40 -5.00 -18.85
CA THR A 18 19.45 -4.01 -18.89
C THR A 18 20.28 -4.15 -17.63
N ARG A 19 21.52 -3.69 -17.69
CA ARG A 19 22.39 -3.77 -16.54
C ARG A 19 22.47 -2.38 -15.90
N VAL A 20 21.82 -2.22 -14.76
CA VAL A 20 21.84 -0.93 -14.09
C VAL A 20 22.90 -0.86 -13.02
N PRO A 21 23.56 0.29 -12.88
CA PRO A 21 24.61 0.46 -11.87
C PRO A 21 23.93 0.60 -10.53
N VAL A 22 24.53 -0.01 -9.51
CA VAL A 22 23.98 0.06 -8.17
C VAL A 22 25.13 0.10 -7.20
N LEU A 23 25.11 1.09 -6.31
CA LEU A 23 26.16 1.25 -5.31
C LEU A 23 27.51 1.25 -6.01
N SER A 24 28.36 0.30 -5.64
CA SER A 24 29.69 0.18 -6.21
C SER A 24 29.71 -0.75 -7.41
N SER A 25 28.57 -1.36 -7.73
CA SER A 25 28.53 -2.33 -8.81
C SER A 25 27.47 -2.08 -9.86
N HIS A 26 27.02 -3.16 -10.48
CA HIS A 26 25.98 -3.10 -11.49
C HIS A 26 24.97 -4.22 -11.15
N ILE A 27 23.82 -4.24 -11.80
CA ILE A 27 22.82 -5.24 -11.49
C ILE A 27 21.94 -5.43 -12.69
N SER A 28 21.38 -6.63 -12.84
CA SER A 28 20.51 -6.90 -13.96
C SER A 28 19.21 -6.21 -13.57
N ALA A 29 18.53 -5.62 -14.56
CA ALA A 29 17.27 -4.96 -14.31
C ALA A 29 16.42 -5.22 -15.52
N PHE A 30 15.28 -5.86 -15.30
CA PHE A 30 14.38 -6.15 -16.39
C PHE A 30 13.16 -5.32 -16.09
N LEU A 31 13.09 -4.14 -16.71
CA LEU A 31 11.98 -3.24 -16.47
C LEU A 31 10.92 -3.30 -17.52
N GLY A 32 9.66 -3.28 -17.08
CA GLY A 32 8.54 -3.26 -18.00
C GLY A 32 8.11 -4.52 -18.68
N ILE A 33 8.30 -5.66 -18.03
CA ILE A 33 7.88 -6.94 -18.61
C ILE A 33 6.36 -6.98 -18.49
N PRO A 34 5.64 -7.19 -19.59
CA PRO A 34 4.19 -7.24 -19.47
C PRO A 34 3.80 -8.51 -18.72
N PHE A 35 2.71 -8.46 -17.96
CA PHE A 35 2.24 -9.65 -17.27
C PHE A 35 0.76 -9.88 -17.52
N ALA A 36 0.14 -8.93 -18.21
CA ALA A 36 -1.27 -9.00 -18.55
C ALA A 36 -1.46 -8.20 -19.84
N GLU A 37 -2.45 -8.56 -20.62
CA GLU A 37 -2.72 -7.85 -21.85
C GLU A 37 -3.14 -6.44 -21.46
N PRO A 38 -2.65 -5.42 -22.18
CA PRO A 38 -2.98 -4.01 -21.91
C PRO A 38 -4.47 -3.87 -21.68
N PRO A 39 -4.87 -3.46 -20.48
CA PRO A 39 -6.27 -3.29 -20.12
C PRO A 39 -6.89 -2.06 -20.78
N VAL A 40 -6.50 -1.78 -22.01
CA VAL A 40 -7.02 -0.66 -22.73
C VAL A 40 -8.29 -1.13 -23.43
N GLY A 41 -8.77 -0.35 -24.40
CA GLY A 41 -9.96 -0.70 -25.14
C GLY A 41 -11.16 -1.11 -24.32
N ASN A 42 -11.92 -2.07 -24.85
CA ASN A 42 -13.11 -2.59 -24.20
C ASN A 42 -12.79 -3.51 -23.02
N MET A 43 -11.56 -3.47 -22.54
CA MET A 43 -11.17 -4.29 -21.40
C MET A 43 -11.09 -3.41 -20.15
N ARG A 44 -11.30 -2.10 -20.34
CA ARG A 44 -11.30 -1.14 -19.24
C ARG A 44 -12.25 -1.70 -18.19
N PHE A 45 -11.78 -1.81 -16.95
CA PHE A 45 -12.56 -2.35 -15.83
C PHE A 45 -12.60 -3.87 -15.85
N ARG A 46 -12.54 -4.46 -17.04
CA ARG A 46 -12.56 -5.92 -17.16
C ARG A 46 -11.30 -6.52 -16.56
N ARG A 47 -11.44 -7.72 -16.01
CA ARG A 47 -10.31 -8.42 -15.40
C ARG A 47 -9.15 -8.51 -16.38
N PRO A 48 -7.93 -8.65 -15.86
CA PRO A 48 -6.80 -8.72 -16.77
C PRO A 48 -6.65 -10.10 -17.42
N GLU A 49 -6.35 -10.09 -18.72
CA GLU A 49 -6.11 -11.32 -19.44
C GLU A 49 -4.62 -11.49 -19.33
N PRO A 50 -4.13 -12.73 -19.26
CA PRO A 50 -2.69 -12.93 -19.15
C PRO A 50 -2.02 -12.39 -20.40
N LYS A 51 -0.71 -12.17 -20.34
CA LYS A 51 0.01 -11.65 -21.49
C LYS A 51 0.31 -12.74 -22.52
N LYS A 52 -0.26 -12.60 -23.71
CA LYS A 52 -0.05 -13.56 -24.79
C LYS A 52 1.45 -13.61 -25.03
N PRO A 53 2.04 -14.82 -25.04
CA PRO A 53 3.48 -14.99 -25.26
C PRO A 53 3.95 -14.20 -26.45
N TRP A 54 5.00 -13.42 -26.24
CA TRP A 54 5.56 -12.65 -27.32
C TRP A 54 6.65 -13.50 -27.98
N SER A 55 7.27 -12.94 -29.01
CA SER A 55 8.33 -13.61 -29.74
C SER A 55 9.42 -12.58 -29.94
N GLY A 56 10.66 -13.01 -29.90
CA GLY A 56 11.74 -12.05 -30.05
C GLY A 56 11.93 -11.45 -28.68
N VAL A 57 13.13 -11.02 -28.36
CA VAL A 57 13.39 -10.45 -27.07
C VAL A 57 12.51 -9.24 -26.78
N TRP A 58 11.96 -9.21 -25.57
CA TRP A 58 11.15 -8.09 -25.14
C TRP A 58 12.15 -7.15 -24.49
N ASN A 59 12.31 -5.96 -25.07
CA ASN A 59 13.25 -5.01 -24.50
C ASN A 59 12.74 -4.53 -23.16
N ALA A 60 13.37 -5.02 -22.10
CA ALA A 60 13.03 -4.68 -20.74
C ALA A 60 14.10 -3.78 -20.15
N SER A 61 14.46 -2.73 -20.86
CA SER A 61 15.49 -1.82 -20.38
C SER A 61 14.98 -0.45 -19.94
N THR A 62 13.69 -0.18 -20.12
CA THR A 62 13.14 1.11 -19.74
C THR A 62 11.83 0.98 -19.01
N TYR A 63 11.73 1.66 -17.87
CA TYR A 63 10.54 1.63 -17.04
C TYR A 63 9.24 1.70 -17.81
N PRO A 64 8.25 0.92 -17.37
CA PRO A 64 6.95 0.91 -18.04
C PRO A 64 6.16 2.16 -17.73
N ASN A 65 5.03 2.35 -18.43
CA ASN A 65 4.19 3.50 -18.19
C ASN A 65 3.52 3.29 -16.84
N ASN A 66 2.90 4.34 -16.34
CA ASN A 66 2.22 4.27 -15.07
C ASN A 66 0.74 4.32 -15.35
N CYS A 67 -0.03 3.53 -14.61
CA CYS A 67 -1.47 3.51 -14.80
C CYS A 67 -2.00 4.91 -14.58
N GLN A 68 -3.14 5.19 -15.21
CA GLN A 68 -3.80 6.48 -15.09
C GLN A 68 -4.14 6.66 -13.63
N GLN A 69 -3.75 7.80 -13.08
CA GLN A 69 -4.02 8.07 -11.69
C GLN A 69 -4.11 9.56 -11.45
N TYR A 70 -4.70 9.91 -10.32
CA TYR A 70 -4.83 11.29 -9.92
C TYR A 70 -3.44 11.83 -9.55
N VAL A 71 -2.88 12.70 -10.38
CA VAL A 71 -1.58 13.28 -10.06
C VAL A 71 -1.85 14.15 -8.85
N ASP A 72 -0.81 14.57 -8.15
CA ASP A 72 -1.01 15.39 -6.97
C ASP A 72 -0.32 16.74 -7.12
N GLU A 73 -1.11 17.72 -7.53
CA GLU A 73 -0.61 19.07 -7.75
C GLU A 73 -0.66 19.93 -6.50
N GLN A 74 -1.06 19.34 -5.38
CA GLN A 74 -1.16 20.08 -4.13
C GLN A 74 0.11 20.84 -3.71
N PHE A 75 1.26 20.46 -4.24
CA PHE A 75 2.52 21.15 -3.93
C PHE A 75 3.47 20.93 -5.10
N PRO A 76 3.16 21.54 -6.25
CA PRO A 76 3.93 21.45 -7.50
C PRO A 76 5.43 21.54 -7.32
N GLY A 77 6.15 20.54 -7.83
CA GLY A 77 7.60 20.57 -7.73
C GLY A 77 8.15 20.27 -6.36
N PHE A 78 7.28 20.23 -5.36
CA PHE A 78 7.70 19.92 -4.02
C PHE A 78 7.96 18.42 -3.98
N SER A 79 9.20 18.03 -3.75
CA SER A 79 9.58 16.62 -3.70
C SER A 79 8.58 15.83 -2.86
N GLY A 80 8.48 16.19 -1.58
CA GLY A 80 7.60 15.50 -0.67
C GLY A 80 6.30 15.02 -1.29
N SER A 81 5.77 15.75 -2.26
CA SER A 81 4.52 15.34 -2.90
C SER A 81 4.80 14.70 -4.26
N GLU A 82 5.67 15.35 -5.03
CA GLU A 82 6.04 14.88 -6.36
C GLU A 82 6.70 13.50 -6.38
N MET A 83 7.47 13.20 -5.35
CA MET A 83 8.16 11.92 -5.27
C MET A 83 7.19 10.76 -5.41
N TRP A 84 5.90 11.03 -5.18
CA TRP A 84 4.86 10.01 -5.26
C TRP A 84 4.00 10.06 -6.53
N ASN A 85 4.18 11.09 -7.35
CA ASN A 85 3.41 11.24 -8.57
C ASN A 85 4.00 10.41 -9.70
N PRO A 86 3.13 9.85 -10.57
CA PRO A 86 3.61 9.05 -11.68
C PRO A 86 4.68 9.83 -12.41
N ASN A 87 5.86 9.23 -12.49
CA ASN A 87 7.02 9.83 -13.12
C ASN A 87 7.31 9.35 -14.54
N ARG A 88 6.35 8.70 -15.17
CA ARG A 88 6.48 8.23 -16.55
C ARG A 88 5.14 8.59 -17.18
N GLU A 89 5.03 8.52 -18.50
CA GLU A 89 3.78 8.86 -19.18
C GLU A 89 2.68 7.92 -18.73
N MET A 90 1.64 8.47 -18.12
CA MET A 90 0.55 7.63 -17.69
C MET A 90 -0.10 7.08 -18.92
N SER A 91 -0.62 5.86 -18.80
CA SER A 91 -1.29 5.16 -19.88
C SER A 91 -2.10 4.07 -19.21
N GLU A 92 -3.16 3.61 -19.85
CA GLU A 92 -3.98 2.54 -19.28
C GLU A 92 -3.20 1.25 -19.45
N ASP A 93 -2.34 1.26 -20.47
CA ASP A 93 -1.44 0.16 -20.80
C ASP A 93 -0.30 0.34 -19.81
N CYS A 94 -0.53 -0.10 -18.59
CA CYS A 94 0.46 0.05 -17.55
C CYS A 94 0.76 -1.21 -16.80
N LEU A 95 0.05 -2.28 -17.11
CA LEU A 95 0.26 -3.52 -16.40
C LEU A 95 1.56 -4.20 -16.77
N TYR A 96 2.66 -3.74 -16.16
CA TYR A 96 3.99 -4.27 -16.42
C TYR A 96 4.75 -4.39 -15.11
N LEU A 97 5.53 -5.44 -14.96
CA LEU A 97 6.31 -5.61 -13.74
C LEU A 97 7.78 -5.32 -14.00
N ASN A 98 8.53 -5.09 -12.92
CA ASN A 98 9.94 -4.77 -13.00
C ASN A 98 10.70 -5.77 -12.14
N ILE A 99 11.86 -6.22 -12.61
CA ILE A 99 12.66 -7.21 -11.87
C ILE A 99 14.13 -6.83 -11.73
N TRP A 100 14.58 -6.60 -10.51
CA TRP A 100 15.98 -6.28 -10.31
C TRP A 100 16.61 -7.58 -9.83
N VAL A 101 17.48 -8.14 -10.65
CA VAL A 101 18.13 -9.43 -10.35
C VAL A 101 19.62 -9.29 -10.05
N PRO A 102 20.07 -9.80 -8.89
CA PRO A 102 21.48 -9.70 -8.55
C PRO A 102 22.43 -10.12 -9.66
N SER A 103 23.68 -9.70 -9.55
CA SER A 103 24.69 -10.03 -10.54
C SER A 103 25.88 -10.48 -9.73
N PRO A 104 26.38 -11.70 -9.99
CA PRO A 104 25.88 -12.64 -11.00
C PRO A 104 24.49 -13.14 -10.63
N ARG A 105 23.66 -13.36 -11.65
CA ARG A 105 22.30 -13.84 -11.45
C ARG A 105 22.31 -15.06 -10.57
N PRO A 106 21.48 -15.05 -9.51
CA PRO A 106 21.41 -16.19 -8.60
C PRO A 106 20.87 -17.38 -9.37
N LYS A 107 20.89 -18.56 -8.78
CA LYS A 107 20.34 -19.74 -9.46
C LYS A 107 18.92 -19.89 -8.95
N SER A 108 18.75 -19.48 -7.70
CA SER A 108 17.45 -19.50 -7.04
C SER A 108 17.66 -18.86 -5.69
N THR A 109 17.18 -17.64 -5.56
CA THR A 109 17.29 -16.89 -4.33
C THR A 109 15.92 -16.38 -3.96
N THR A 110 15.83 -15.69 -2.84
CA THR A 110 14.57 -15.15 -2.38
C THR A 110 14.04 -14.17 -3.39
N VAL A 111 12.71 -14.13 -3.52
CA VAL A 111 12.06 -13.22 -4.43
C VAL A 111 11.25 -12.30 -3.56
N MET A 112 11.23 -11.02 -3.89
CA MET A 112 10.46 -10.05 -3.14
C MET A 112 9.68 -9.22 -4.12
N VAL A 113 8.35 -9.38 -4.05
CA VAL A 113 7.44 -8.65 -4.92
C VAL A 113 6.93 -7.46 -4.14
N TRP A 114 6.99 -6.28 -4.73
CA TRP A 114 6.53 -5.07 -4.06
C TRP A 114 5.24 -4.58 -4.69
N ILE A 115 4.26 -4.28 -3.85
CA ILE A 115 2.97 -3.76 -4.31
C ILE A 115 2.89 -2.33 -3.76
N TYR A 116 2.88 -1.33 -4.63
CA TYR A 116 2.86 0.07 -4.19
C TYR A 116 1.60 0.52 -3.46
N GLY A 117 1.74 1.61 -2.72
CA GLY A 117 0.63 2.15 -1.96
C GLY A 117 -0.15 3.21 -2.71
N GLY A 118 -0.70 4.16 -1.97
CA GLY A 118 -1.47 5.23 -2.62
C GLY A 118 -2.96 5.01 -2.58
N GLY A 119 -3.45 4.61 -1.42
CA GLY A 119 -4.87 4.38 -1.24
C GLY A 119 -5.68 3.89 -2.42
N PHE A 120 -5.08 3.06 -3.26
CA PHE A 120 -5.76 2.48 -4.41
C PHE A 120 -6.15 3.46 -5.53
N TYR A 121 -5.91 4.75 -5.35
CA TYR A 121 -6.22 5.74 -6.38
C TYR A 121 -4.98 6.20 -7.13
N SER A 122 -3.81 5.90 -6.60
CA SER A 122 -2.55 6.29 -7.19
C SER A 122 -1.51 5.19 -6.97
N GLY A 123 -0.37 5.33 -7.62
CA GLY A 123 0.68 4.35 -7.45
C GLY A 123 1.46 4.12 -8.72
N SER A 124 2.77 3.99 -8.59
CA SER A 124 3.66 3.75 -9.71
C SER A 124 4.72 2.78 -9.19
N SER A 125 5.08 1.80 -10.01
CA SER A 125 6.09 0.83 -9.60
C SER A 125 7.45 1.38 -10.02
N THR A 126 7.41 2.49 -10.73
CA THR A 126 8.60 3.12 -11.26
C THR A 126 9.17 4.26 -10.40
N LEU A 127 8.51 4.59 -9.30
CA LEU A 127 8.97 5.69 -8.46
C LEU A 127 10.40 5.50 -8.02
N ASP A 128 11.07 6.61 -7.74
CA ASP A 128 12.46 6.55 -7.32
C ASP A 128 12.67 5.79 -6.02
N VAL A 129 11.81 5.97 -5.04
CA VAL A 129 11.99 5.27 -3.77
C VAL A 129 11.58 3.82 -3.88
N TYR A 130 11.05 3.43 -5.03
CA TYR A 130 10.63 2.05 -5.23
C TYR A 130 11.66 1.29 -6.05
N ASN A 131 12.72 1.98 -6.45
CA ASN A 131 13.79 1.38 -7.25
C ASN A 131 14.49 0.34 -6.41
N GLY A 132 14.10 -0.92 -6.59
CA GLY A 132 14.67 -2.01 -5.82
C GLY A 132 16.11 -2.38 -6.09
N LYS A 133 16.81 -1.61 -6.91
CA LYS A 133 18.20 -1.90 -7.25
C LYS A 133 19.09 -2.02 -6.01
N TYR A 134 18.81 -1.24 -4.99
CA TYR A 134 19.64 -1.28 -3.79
C TYR A 134 19.25 -2.44 -2.92
N LEU A 135 17.96 -2.77 -2.90
CA LEU A 135 17.50 -3.89 -2.08
C LEU A 135 17.99 -5.21 -2.67
N ALA A 136 17.76 -5.41 -3.96
CA ALA A 136 18.17 -6.62 -4.66
C ALA A 136 19.68 -6.79 -4.53
N TYR A 137 20.41 -5.70 -4.69
CA TYR A 137 21.86 -5.73 -4.60
C TYR A 137 22.32 -6.02 -3.17
N THR A 138 22.15 -5.06 -2.27
CA THR A 138 22.57 -5.22 -0.88
C THR A 138 22.09 -6.52 -0.23
N GLU A 139 20.88 -6.96 -0.56
CA GLU A 139 20.37 -8.20 0.03
C GLU A 139 20.34 -9.46 -0.85
N GLU A 140 21.05 -9.44 -1.98
CA GLU A 140 21.11 -10.63 -2.82
C GLU A 140 19.73 -11.20 -3.14
N VAL A 141 18.70 -10.37 -3.09
CA VAL A 141 17.38 -10.86 -3.34
C VAL A 141 16.86 -10.38 -4.70
N VAL A 142 16.07 -11.22 -5.36
CA VAL A 142 15.49 -10.85 -6.64
C VAL A 142 14.22 -10.07 -6.26
N LEU A 143 14.23 -8.78 -6.52
CA LEU A 143 13.10 -7.95 -6.17
C LEU A 143 12.34 -7.56 -7.42
N VAL A 144 11.05 -7.83 -7.41
CA VAL A 144 10.19 -7.49 -8.53
C VAL A 144 9.09 -6.62 -7.96
N SER A 145 8.88 -5.47 -8.58
CA SER A 145 7.83 -4.58 -8.15
C SER A 145 6.85 -4.58 -9.30
N LEU A 146 5.63 -4.99 -9.00
CA LEU A 146 4.56 -5.06 -9.97
C LEU A 146 3.82 -3.72 -10.01
N SER A 147 2.83 -3.63 -10.89
CA SER A 147 2.03 -2.45 -11.00
C SER A 147 0.62 -2.97 -11.16
N TYR A 148 -0.36 -2.14 -10.88
CA TYR A 148 -1.75 -2.56 -10.99
C TYR A 148 -2.66 -1.37 -11.21
N ARG A 149 -3.79 -1.62 -11.84
CA ARG A 149 -4.72 -0.58 -12.11
C ARG A 149 -5.22 0.01 -10.81
N VAL A 150 -5.12 1.33 -10.71
CA VAL A 150 -5.55 2.05 -9.53
C VAL A 150 -6.76 2.87 -9.95
N GLY A 151 -7.53 3.32 -8.98
CA GLY A 151 -8.69 4.14 -9.26
C GLY A 151 -9.73 3.37 -10.02
N ALA A 152 -10.76 4.08 -10.47
CA ALA A 152 -11.86 3.51 -11.23
C ALA A 152 -11.42 2.45 -12.22
N PHE A 153 -10.35 2.74 -12.93
CA PHE A 153 -9.78 1.87 -13.95
C PHE A 153 -9.55 0.44 -13.47
N GLY A 154 -9.22 0.30 -12.19
CA GLY A 154 -8.98 -1.02 -11.66
C GLY A 154 -9.92 -1.43 -10.55
N PHE A 155 -10.69 -0.50 -10.01
CA PHE A 155 -11.57 -0.85 -8.91
C PHE A 155 -13.05 -0.52 -9.04
N LEU A 156 -13.50 -0.13 -10.22
CA LEU A 156 -14.93 0.18 -10.41
C LEU A 156 -15.67 -1.13 -10.15
N ALA A 157 -16.53 -1.15 -9.13
CA ALA A 157 -17.24 -2.36 -8.79
C ALA A 157 -18.75 -2.45 -8.99
N LEU A 158 -19.16 -2.59 -10.24
CA LEU A 158 -20.58 -2.76 -10.54
C LEU A 158 -20.72 -4.26 -10.38
N HIS A 159 -20.87 -4.71 -9.15
CA HIS A 159 -20.96 -6.13 -8.82
C HIS A 159 -21.70 -7.05 -9.79
N GLY A 160 -22.95 -6.72 -10.07
CA GLY A 160 -23.72 -7.55 -10.99
C GLY A 160 -22.96 -7.93 -12.25
N SER A 161 -22.52 -6.92 -12.98
CA SER A 161 -21.80 -7.10 -14.23
C SER A 161 -20.51 -7.88 -14.07
N GLN A 162 -19.99 -8.32 -15.20
CA GLN A 162 -18.72 -9.05 -15.27
C GLN A 162 -17.81 -8.15 -16.10
N GLU A 163 -18.45 -7.24 -16.82
CA GLU A 163 -17.78 -6.26 -17.67
C GLU A 163 -17.03 -5.28 -16.79
N ALA A 164 -17.43 -5.17 -15.53
CA ALA A 164 -16.75 -4.29 -14.59
C ALA A 164 -17.01 -4.73 -13.15
N PRO A 165 -16.52 -5.93 -12.78
CA PRO A 165 -16.69 -6.45 -11.42
C PRO A 165 -15.58 -5.78 -10.63
N GLY A 166 -15.69 -5.72 -9.32
CA GLY A 166 -14.63 -5.05 -8.59
C GLY A 166 -13.31 -5.76 -8.53
N ASN A 167 -12.46 -5.30 -7.63
CA ASN A 167 -11.16 -5.90 -7.37
C ASN A 167 -10.34 -6.29 -8.58
N VAL A 168 -10.70 -5.77 -9.74
CA VAL A 168 -10.01 -6.07 -10.96
C VAL A 168 -8.53 -5.71 -10.83
N GLY A 169 -8.25 -4.57 -10.21
CA GLY A 169 -6.89 -4.14 -10.04
C GLY A 169 -6.19 -5.01 -9.02
N LEU A 170 -6.98 -5.71 -8.21
CA LEU A 170 -6.47 -6.60 -7.20
C LEU A 170 -6.11 -7.87 -7.96
N LEU A 171 -6.84 -8.14 -9.03
CA LEU A 171 -6.55 -9.29 -9.87
C LEU A 171 -5.25 -9.02 -10.63
N ASP A 172 -5.03 -7.78 -11.05
CA ASP A 172 -3.82 -7.42 -11.77
C ASP A 172 -2.62 -7.82 -10.92
N GLN A 173 -2.74 -7.64 -9.62
CA GLN A 173 -1.64 -7.97 -8.70
C GLN A 173 -1.47 -9.48 -8.68
N ARG A 174 -2.58 -10.20 -8.77
CA ARG A 174 -2.52 -11.65 -8.76
C ARG A 174 -1.86 -12.13 -10.03
N MET A 175 -2.19 -11.49 -11.15
CA MET A 175 -1.61 -11.84 -12.44
C MET A 175 -0.11 -11.56 -12.35
N ALA A 176 0.24 -10.46 -11.69
CA ALA A 176 1.63 -10.08 -11.53
C ALA A 176 2.34 -11.13 -10.70
N LEU A 177 1.62 -11.61 -9.69
CA LEU A 177 2.12 -12.65 -8.77
C LEU A 177 2.17 -14.03 -9.46
N GLN A 178 1.20 -14.30 -10.31
CA GLN A 178 1.15 -15.55 -11.05
C GLN A 178 2.37 -15.62 -11.95
N TRP A 179 2.61 -14.58 -12.73
CA TRP A 179 3.76 -14.54 -13.64
C TRP A 179 5.04 -14.70 -12.83
N VAL A 180 5.13 -14.01 -11.69
CA VAL A 180 6.32 -14.12 -10.85
C VAL A 180 6.51 -15.59 -10.41
N HIS A 181 5.40 -16.28 -10.18
CA HIS A 181 5.40 -17.68 -9.75
C HIS A 181 5.89 -18.59 -10.86
N ASP A 182 5.47 -18.31 -12.08
CA ASP A 182 5.82 -19.12 -13.23
C ASP A 182 7.16 -18.81 -13.87
N ASN A 183 7.61 -17.57 -13.78
CA ASN A 183 8.86 -17.21 -14.45
C ASN A 183 10.01 -16.70 -13.62
N ILE A 184 9.80 -16.41 -12.35
CA ILE A 184 10.89 -15.87 -11.56
C ILE A 184 12.11 -16.76 -11.49
N GLN A 185 11.91 -18.06 -11.74
CA GLN A 185 13.00 -19.04 -11.72
C GLN A 185 14.01 -18.71 -12.79
N PHE A 186 13.51 -18.24 -13.93
CA PHE A 186 14.37 -17.90 -15.05
C PHE A 186 15.21 -16.69 -14.74
N PHE A 187 14.86 -15.98 -13.68
CA PHE A 187 15.60 -14.80 -13.28
C PHE A 187 16.48 -15.10 -12.09
N GLY A 188 16.38 -16.32 -11.58
CA GLY A 188 17.20 -16.69 -10.45
C GLY A 188 16.40 -16.58 -9.19
N GLY A 189 15.09 -16.50 -9.34
CA GLY A 189 14.25 -16.39 -8.18
C GLY A 189 13.61 -17.70 -7.75
N ASP A 190 13.49 -17.89 -6.45
CA ASP A 190 12.89 -19.08 -5.89
C ASP A 190 11.40 -18.79 -5.82
N PRO A 191 10.61 -19.34 -6.75
CA PRO A 191 9.17 -19.11 -6.75
C PRO A 191 8.45 -19.57 -5.49
N LYS A 192 9.08 -20.44 -4.72
CA LYS A 192 8.46 -20.92 -3.49
C LYS A 192 9.02 -20.16 -2.28
N THR A 193 9.58 -18.99 -2.55
CA THR A 193 10.12 -18.14 -1.50
C THR A 193 9.95 -16.70 -1.96
N VAL A 194 8.73 -16.43 -2.41
CA VAL A 194 8.32 -15.12 -2.89
C VAL A 194 7.62 -14.43 -1.76
N THR A 195 8.18 -13.32 -1.30
CA THR A 195 7.57 -12.54 -0.24
C THR A 195 6.98 -11.30 -0.90
N ILE A 196 5.68 -11.08 -0.68
CA ILE A 196 5.03 -9.91 -1.23
C ILE A 196 4.97 -8.84 -0.16
N PHE A 197 5.55 -7.69 -0.44
CA PHE A 197 5.53 -6.59 0.51
C PHE A 197 4.92 -5.35 -0.13
N GLY A 198 4.24 -4.54 0.67
CA GLY A 198 3.63 -3.35 0.14
C GLY A 198 3.32 -2.41 1.27
N GLU A 199 3.04 -1.15 0.95
CA GLU A 199 2.75 -0.16 1.98
C GLU A 199 1.43 0.55 1.68
N SER A 200 0.78 1.08 2.71
CA SER A 200 -0.49 1.77 2.54
C SER A 200 -1.43 0.78 1.86
N ALA A 201 -1.93 1.11 0.67
CA ALA A 201 -2.84 0.24 -0.06
C ALA A 201 -2.11 -1.03 -0.48
N GLY A 202 -0.80 -0.93 -0.64
CA GLY A 202 -0.01 -2.08 -1.01
C GLY A 202 0.04 -3.01 0.17
N GLY A 203 0.27 -2.46 1.35
CA GLY A 203 0.31 -3.27 2.55
C GLY A 203 -1.07 -3.83 2.83
N ALA A 204 -2.07 -3.26 2.19
CA ALA A 204 -3.43 -3.71 2.37
C ALA A 204 -3.74 -4.74 1.29
N SER A 205 -3.15 -4.58 0.11
CA SER A 205 -3.35 -5.49 -1.00
C SER A 205 -2.70 -6.81 -0.63
N VAL A 206 -1.45 -6.73 -0.21
CA VAL A 206 -0.66 -7.88 0.21
C VAL A 206 -1.57 -8.67 1.14
N GLY A 207 -2.14 -7.95 2.11
CA GLY A 207 -3.02 -8.58 3.07
C GLY A 207 -4.27 -9.14 2.46
N MET A 208 -4.75 -8.55 1.37
CA MET A 208 -5.96 -9.01 0.73
C MET A 208 -5.71 -10.22 -0.15
N HIS A 209 -4.45 -10.63 -0.20
CA HIS A 209 -3.98 -11.81 -0.94
C HIS A 209 -3.80 -12.94 0.06
N ILE A 210 -3.44 -12.58 1.29
CA ILE A 210 -3.29 -13.54 2.38
C ILE A 210 -4.69 -14.06 2.69
N LEU A 211 -5.71 -13.27 2.38
CA LEU A 211 -7.10 -13.64 2.64
C LEU A 211 -7.72 -14.35 1.44
N SER A 212 -7.65 -13.72 0.29
CA SER A 212 -8.23 -14.28 -0.92
C SER A 212 -7.67 -15.66 -1.22
N PRO A 213 -8.55 -16.66 -1.34
CA PRO A 213 -8.13 -18.05 -1.62
C PRO A 213 -7.32 -18.13 -2.91
N GLY A 214 -7.76 -17.38 -3.92
CA GLY A 214 -7.10 -17.38 -5.21
C GLY A 214 -5.64 -17.03 -5.19
N SER A 215 -5.24 -16.16 -4.27
CA SER A 215 -3.85 -15.73 -4.18
C SER A 215 -2.98 -16.44 -3.16
N ARG A 216 -3.57 -16.97 -2.09
CA ARG A 216 -2.80 -17.64 -1.05
C ARG A 216 -1.65 -18.53 -1.50
N ASP A 217 -1.74 -19.08 -2.70
CA ASP A 217 -0.72 -19.99 -3.18
C ASP A 217 0.39 -19.37 -4.00
N LEU A 218 0.19 -18.13 -4.45
CA LEU A 218 1.17 -17.45 -5.29
C LEU A 218 2.31 -16.74 -4.60
N PHE A 219 2.43 -16.93 -3.28
CA PHE A 219 3.48 -16.31 -2.49
C PHE A 219 3.68 -17.08 -1.19
N ARG A 220 4.83 -16.84 -0.56
CA ARG A 220 5.23 -17.52 0.67
C ARG A 220 4.97 -16.75 1.94
N ARG A 221 5.41 -15.51 1.96
CA ARG A 221 5.25 -14.67 3.15
C ARG A 221 4.71 -13.31 2.76
N ALA A 222 4.52 -12.45 3.76
CA ALA A 222 4.00 -11.14 3.49
C ALA A 222 4.57 -10.12 4.45
N ILE A 223 4.93 -8.96 3.90
CA ILE A 223 5.42 -7.85 4.70
C ILE A 223 4.39 -6.77 4.43
N LEU A 224 3.72 -6.30 5.48
CA LEU A 224 2.70 -5.25 5.32
C LEU A 224 3.17 -4.02 6.07
N GLN A 225 3.46 -2.96 5.33
CA GLN A 225 3.90 -1.71 5.91
C GLN A 225 2.76 -0.72 5.90
N SER A 226 2.45 -0.19 7.07
CA SER A 226 1.39 0.80 7.25
C SER A 226 0.14 0.42 6.49
N GLY A 227 -0.21 -0.85 6.52
CA GLY A 227 -1.39 -1.32 5.82
C GLY A 227 -1.88 -2.64 6.36
N SER A 228 -3.10 -3.01 6.01
CA SER A 228 -3.73 -4.25 6.44
C SER A 228 -5.07 -4.21 5.71
N PRO A 229 -5.54 -5.34 5.20
CA PRO A 229 -6.79 -5.45 4.46
C PRO A 229 -8.01 -4.96 5.18
N ASN A 230 -8.01 -5.08 6.50
CA ASN A 230 -9.14 -4.68 7.32
C ASN A 230 -9.25 -3.18 7.60
N CYS A 231 -8.68 -2.37 6.73
CA CYS A 231 -8.74 -0.93 6.93
C CYS A 231 -9.98 -0.29 6.36
N PRO A 232 -10.54 0.69 7.11
CA PRO A 232 -11.74 1.45 6.75
C PRO A 232 -11.74 1.87 5.31
N TRP A 233 -10.60 2.41 4.89
CA TRP A 233 -10.43 2.91 3.55
C TRP A 233 -10.10 1.87 2.52
N ALA A 234 -9.63 0.71 2.96
CA ALA A 234 -9.24 -0.34 2.04
C ALA A 234 -10.32 -1.18 1.40
N SER A 235 -11.55 -1.07 1.87
CA SER A 235 -12.61 -1.88 1.29
C SER A 235 -13.99 -1.24 1.36
N VAL A 236 -14.87 -1.65 0.45
CA VAL A 236 -16.23 -1.17 0.43
C VAL A 236 -17.13 -2.33 0.03
N SER A 237 -18.37 -2.31 0.51
CA SER A 237 -19.32 -3.36 0.20
C SER A 237 -19.61 -3.28 -1.28
N VAL A 238 -20.07 -4.39 -1.86
CA VAL A 238 -20.41 -4.42 -3.28
C VAL A 238 -21.40 -3.34 -3.63
N ALA A 239 -22.31 -3.08 -2.70
CA ALA A 239 -23.32 -2.06 -2.90
C ALA A 239 -22.68 -0.69 -2.96
N GLU A 240 -21.85 -0.37 -1.97
CA GLU A 240 -21.20 0.94 -1.94
C GLU A 240 -20.42 1.17 -3.21
N GLY A 241 -19.71 0.15 -3.67
CA GLY A 241 -18.94 0.27 -4.89
C GLY A 241 -19.86 0.50 -6.06
N ARG A 242 -21.03 -0.12 -6.03
CA ARG A 242 -21.98 0.06 -7.11
C ARG A 242 -22.41 1.51 -7.10
N ARG A 243 -22.78 1.99 -5.92
CA ARG A 243 -23.20 3.35 -5.71
C ARG A 243 -22.17 4.29 -6.32
N ARG A 244 -20.93 4.18 -5.87
CA ARG A 244 -19.87 5.02 -6.38
C ARG A 244 -19.69 4.84 -7.88
N ALA A 245 -19.99 3.66 -8.37
CA ALA A 245 -19.86 3.42 -9.78
C ALA A 245 -20.92 4.21 -10.53
N VAL A 246 -22.16 4.22 -10.03
CA VAL A 246 -23.18 4.99 -10.73
C VAL A 246 -22.99 6.48 -10.50
N GLU A 247 -22.44 6.85 -9.35
CA GLU A 247 -22.20 8.25 -9.03
C GLU A 247 -21.13 8.83 -9.93
N LEU A 248 -20.06 8.09 -10.13
CA LEU A 248 -18.99 8.54 -11.02
C LEU A 248 -19.70 8.71 -12.36
N GLY A 249 -20.51 7.71 -12.70
CA GLY A 249 -21.25 7.72 -13.94
C GLY A 249 -22.05 8.98 -14.05
N ARG A 250 -22.70 9.35 -12.96
CA ARG A 250 -23.52 10.55 -12.91
C ARG A 250 -22.66 11.77 -13.16
N ASN A 251 -21.53 11.87 -12.45
CA ASN A 251 -20.61 13.00 -12.59
C ASN A 251 -20.10 13.19 -14.02
N LEU A 252 -19.84 12.09 -14.72
CA LEU A 252 -19.40 12.16 -16.10
C LEU A 252 -20.61 12.14 -17.02
N ASN A 253 -21.77 12.33 -16.43
CA ASN A 253 -23.01 12.37 -17.19
C ASN A 253 -23.20 11.21 -18.12
N CYS A 254 -23.48 10.05 -17.51
CA CYS A 254 -23.71 8.80 -18.23
C CYS A 254 -25.14 8.33 -18.06
N ASN A 255 -25.55 7.46 -18.98
CA ASN A 255 -26.87 6.87 -18.95
C ASN A 255 -26.75 5.78 -17.90
N LEU A 256 -27.20 6.04 -16.69
CA LEU A 256 -27.11 5.06 -15.61
C LEU A 256 -28.26 4.06 -15.60
N ASN A 257 -28.93 3.89 -16.74
CA ASN A 257 -30.07 2.97 -16.82
C ASN A 257 -29.71 1.51 -16.63
N SER A 258 -28.43 1.16 -16.73
CA SER A 258 -28.01 -0.22 -16.59
C SER A 258 -26.49 -0.31 -16.52
N ASP A 259 -25.99 -1.34 -15.83
CA ASP A 259 -24.55 -1.54 -15.70
C ASP A 259 -23.88 -1.47 -17.07
N GLU A 260 -24.49 -2.11 -18.07
CA GLU A 260 -23.89 -2.12 -19.40
C GLU A 260 -23.84 -0.74 -20.04
N GLU A 261 -24.91 0.04 -19.91
CA GLU A 261 -24.93 1.40 -20.50
C GLU A 261 -23.96 2.31 -19.75
N LEU A 262 -23.95 2.16 -18.43
CA LEU A 262 -23.08 2.91 -17.56
C LEU A 262 -21.65 2.55 -17.99
N ILE A 263 -21.32 1.26 -17.92
CA ILE A 263 -20.01 0.75 -18.28
C ILE A 263 -19.60 1.17 -19.68
N HIS A 264 -20.54 1.09 -20.62
CA HIS A 264 -20.23 1.48 -21.98
C HIS A 264 -19.80 2.95 -21.95
N CYS A 265 -20.59 3.76 -21.25
CA CYS A 265 -20.30 5.19 -21.16
C CYS A 265 -18.92 5.42 -20.58
N LEU A 266 -18.66 4.80 -19.43
CA LEU A 266 -17.37 4.94 -18.77
C LEU A 266 -16.21 4.49 -19.63
N ARG A 267 -16.43 3.45 -20.42
CA ARG A 267 -15.39 2.93 -21.29
C ARG A 267 -15.08 3.91 -22.41
N GLU A 268 -15.97 4.85 -22.65
CA GLU A 268 -15.77 5.84 -23.70
C GLU A 268 -15.04 7.08 -23.21
N LYS A 269 -15.18 7.38 -21.92
CA LYS A 269 -14.54 8.55 -21.35
C LYS A 269 -13.05 8.36 -21.37
N LYS A 270 -12.31 9.41 -21.71
CA LYS A 270 -10.86 9.32 -21.74
C LYS A 270 -10.43 9.05 -20.29
N PRO A 271 -9.23 8.49 -20.09
CA PRO A 271 -8.77 8.22 -18.73
C PRO A 271 -9.01 9.40 -17.82
N GLN A 272 -8.67 10.58 -18.31
CA GLN A 272 -8.81 11.78 -17.52
C GLN A 272 -10.23 12.16 -17.10
N GLU A 273 -11.21 11.86 -17.93
CA GLU A 273 -12.58 12.18 -17.58
C GLU A 273 -12.92 11.54 -16.25
N LEU A 274 -12.43 10.32 -16.04
CA LEU A 274 -12.69 9.58 -14.80
C LEU A 274 -11.90 10.13 -13.63
N ILE A 275 -10.61 10.39 -13.85
CA ILE A 275 -9.73 10.90 -12.81
C ILE A 275 -10.14 12.28 -12.29
N ASP A 276 -10.71 13.12 -13.16
CA ASP A 276 -11.16 14.46 -12.78
C ASP A 276 -12.30 14.43 -11.75
N VAL A 277 -13.32 13.64 -12.01
CA VAL A 277 -14.46 13.56 -11.12
C VAL A 277 -14.45 12.40 -10.12
N GLU A 278 -13.41 11.58 -10.13
CA GLU A 278 -13.37 10.42 -9.25
C GLU A 278 -13.46 10.67 -7.77
N TRP A 279 -13.22 11.90 -7.34
CA TRP A 279 -13.32 12.20 -5.90
C TRP A 279 -14.72 12.69 -5.56
N ASN A 280 -15.51 12.95 -6.59
CA ASN A 280 -16.86 13.44 -6.40
C ASN A 280 -17.81 12.35 -5.96
N VAL A 281 -17.32 11.13 -5.81
CA VAL A 281 -18.21 10.04 -5.42
C VAL A 281 -18.13 9.53 -3.98
N LEU A 282 -17.19 10.02 -3.19
CA LEU A 282 -17.12 9.57 -1.80
C LEU A 282 -18.47 9.91 -1.21
N PRO A 283 -19.00 9.04 -0.35
CA PRO A 283 -20.30 9.26 0.26
C PRO A 283 -20.31 10.27 1.39
N PHE A 284 -19.12 10.66 1.87
CA PHE A 284 -19.07 11.60 2.98
C PHE A 284 -17.81 12.44 2.97
N ASP A 285 -17.94 13.72 3.32
CA ASP A 285 -16.79 14.64 3.39
C ASP A 285 -15.86 13.95 4.37
N SER A 286 -14.65 13.59 3.94
CA SER A 286 -13.76 12.85 4.81
C SER A 286 -12.27 12.99 4.56
N ILE A 287 -11.52 12.22 5.34
CA ILE A 287 -10.06 12.17 5.27
C ILE A 287 -9.65 10.70 5.36
N PHE A 288 -8.71 10.30 4.50
CA PHE A 288 -8.22 8.93 4.45
C PHE A 288 -9.34 8.02 4.00
N ARG A 289 -9.97 8.40 2.91
CA ARG A 289 -11.03 7.62 2.36
C ARG A 289 -10.86 7.83 0.85
N PHE A 290 -10.98 6.76 0.09
CA PHE A 290 -10.79 6.82 -1.35
C PHE A 290 -12.00 6.21 -2.04
N SER A 291 -12.34 6.75 -3.20
CA SER A 291 -13.52 6.35 -3.94
C SER A 291 -13.60 4.89 -4.33
N PHE A 292 -12.85 4.54 -5.37
CA PHE A 292 -12.84 3.19 -5.90
C PHE A 292 -11.72 2.42 -5.24
N VAL A 293 -12.15 1.53 -4.35
CA VAL A 293 -11.26 0.73 -3.55
C VAL A 293 -11.85 -0.69 -3.57
N PRO A 294 -11.03 -1.74 -3.32
CA PRO A 294 -11.48 -3.14 -3.31
C PRO A 294 -12.86 -3.38 -2.73
N VAL A 295 -13.72 -4.00 -3.51
CA VAL A 295 -15.07 -4.29 -3.10
C VAL A 295 -15.15 -5.72 -2.55
N ILE A 296 -15.91 -5.92 -1.48
CA ILE A 296 -16.05 -7.26 -0.89
C ILE A 296 -17.05 -8.10 -1.71
N ASP A 297 -16.62 -8.58 -2.86
CA ASP A 297 -17.44 -9.35 -3.79
C ASP A 297 -17.91 -10.76 -3.49
N GLY A 298 -17.22 -11.48 -2.63
CA GLY A 298 -17.64 -12.85 -2.37
C GLY A 298 -16.92 -13.80 -3.32
N GLU A 299 -16.17 -13.22 -4.25
CA GLU A 299 -15.41 -13.99 -5.23
C GLU A 299 -13.94 -13.89 -4.85
N PHE A 300 -13.41 -12.67 -4.86
CA PHE A 300 -12.03 -12.44 -4.48
C PHE A 300 -12.01 -12.63 -2.97
N PHE A 301 -12.96 -12.00 -2.29
CA PHE A 301 -13.06 -12.12 -0.84
C PHE A 301 -14.29 -12.96 -0.57
N PRO A 302 -14.10 -14.18 -0.05
CA PRO A 302 -15.22 -15.09 0.25
C PRO A 302 -16.27 -14.47 1.16
N THR A 303 -15.84 -13.67 2.13
CA THR A 303 -16.77 -13.05 3.05
C THR A 303 -16.14 -11.80 3.65
N SER A 304 -16.83 -11.19 4.60
CA SER A 304 -16.30 -10.00 5.22
C SER A 304 -14.94 -10.32 5.82
N LEU A 305 -13.93 -9.56 5.44
CA LEU A 305 -12.59 -9.75 5.93
C LEU A 305 -12.55 -10.01 7.44
N GLU A 306 -13.59 -9.60 8.16
CA GLU A 306 -13.65 -9.81 9.60
C GLU A 306 -14.06 -11.25 9.89
N SER A 307 -15.01 -11.76 9.11
CA SER A 307 -15.49 -13.11 9.24
C SER A 307 -14.34 -14.05 8.91
N MET A 308 -13.54 -13.68 7.91
CA MET A 308 -12.38 -14.46 7.51
C MET A 308 -11.36 -14.36 8.63
N LEU A 309 -10.94 -13.15 8.96
CA LEU A 309 -9.99 -12.93 10.04
C LEU A 309 -10.43 -13.68 11.30
N ASN A 310 -11.73 -13.69 11.57
CA ASN A 310 -12.24 -14.37 12.76
C ASN A 310 -12.08 -15.86 12.67
N SER A 311 -12.58 -16.45 11.60
CA SER A 311 -12.54 -17.88 11.38
C SER A 311 -11.16 -18.39 10.99
N GLY A 312 -10.18 -17.51 10.93
CA GLY A 312 -8.85 -17.93 10.55
C GLY A 312 -8.84 -18.41 9.13
N ASN A 313 -9.78 -17.91 8.34
CA ASN A 313 -9.86 -18.31 6.95
C ASN A 313 -8.87 -17.55 6.10
N PHE A 314 -7.58 -17.78 6.34
CA PHE A 314 -6.56 -17.10 5.57
C PHE A 314 -5.28 -17.92 5.50
N LYS A 315 -4.38 -17.53 4.61
CA LYS A 315 -3.12 -18.21 4.45
C LYS A 315 -2.29 -18.07 5.71
N LYS A 316 -1.94 -19.19 6.33
CA LYS A 316 -1.12 -19.13 7.53
C LYS A 316 0.37 -19.19 7.16
N THR A 317 1.07 -18.09 7.42
CA THR A 317 2.48 -17.99 7.13
C THR A 317 3.00 -16.96 8.11
N GLN A 318 4.23 -16.51 7.90
CA GLN A 318 4.79 -15.53 8.77
C GLN A 318 4.69 -14.20 8.06
N ILE A 319 4.24 -13.19 8.79
CA ILE A 319 4.11 -11.85 8.23
C ILE A 319 4.86 -10.86 9.10
N LEU A 320 5.54 -9.94 8.46
CA LEU A 320 6.29 -8.91 9.14
C LEU A 320 5.51 -7.65 8.76
N LEU A 321 4.84 -7.07 9.75
CA LEU A 321 4.03 -5.88 9.50
C LEU A 321 4.34 -4.80 10.53
N GLY A 322 4.00 -3.57 10.20
CA GLY A 322 4.25 -2.49 11.12
C GLY A 322 3.60 -1.22 10.66
N VAL A 323 3.70 -0.20 11.50
CA VAL A 323 3.09 1.08 11.24
C VAL A 323 4.12 2.18 11.55
N ASN A 324 3.84 3.42 11.16
CA ASN A 324 4.77 4.53 11.44
C ASN A 324 4.14 5.40 12.49
N LYS A 325 5.00 6.09 13.25
CA LYS A 325 4.54 6.95 14.33
C LYS A 325 3.41 7.89 13.92
N ASP A 326 3.62 8.64 12.86
CA ASP A 326 2.63 9.60 12.41
C ASP A 326 2.01 9.21 11.09
N GLU A 327 1.03 8.33 11.16
CA GLU A 327 0.35 7.87 9.98
C GLU A 327 -0.57 8.95 9.40
N GLY A 328 -1.35 9.59 10.26
CA GLY A 328 -2.30 10.58 9.79
C GLY A 328 -1.85 11.95 9.30
N SER A 329 -0.68 12.40 9.72
CA SER A 329 -0.19 13.72 9.35
C SER A 329 -0.40 14.10 7.89
N PHE A 330 0.00 13.21 6.99
CA PHE A 330 -0.13 13.47 5.56
C PHE A 330 -1.56 13.71 5.09
N PHE A 331 -2.51 13.01 5.69
CA PHE A 331 -3.89 13.15 5.28
C PHE A 331 -4.56 14.38 5.84
N LEU A 332 -4.12 14.80 7.01
CA LEU A 332 -4.67 15.99 7.62
C LEU A 332 -4.17 17.15 6.77
N LEU A 333 -2.85 17.29 6.69
CA LEU A 333 -2.21 18.35 5.91
C LEU A 333 -2.81 18.57 4.53
N TYR A 334 -3.41 17.54 3.97
CA TYR A 334 -4.02 17.63 2.65
C TYR A 334 -5.51 17.86 2.64
N GLY A 335 -6.22 17.33 3.63
CA GLY A 335 -7.65 17.49 3.61
C GLY A 335 -8.30 17.98 4.87
N ALA A 336 -7.50 18.35 5.86
CA ALA A 336 -8.03 18.86 7.10
C ALA A 336 -7.63 20.32 7.19
N PRO A 337 -8.56 21.20 7.60
CA PRO A 337 -8.31 22.63 7.73
C PRO A 337 -7.41 22.96 8.91
N GLY A 338 -6.60 24.00 8.75
CA GLY A 338 -5.72 24.39 9.84
C GLY A 338 -4.33 23.87 9.66
N PHE A 339 -4.20 22.82 8.86
CA PHE A 339 -2.88 22.27 8.62
C PHE A 339 -2.37 22.91 7.36
N SER A 340 -1.08 23.21 7.33
CA SER A 340 -0.49 23.83 6.17
C SER A 340 0.95 23.37 6.16
N LYS A 341 1.49 23.12 4.98
CA LYS A 341 2.85 22.64 4.89
C LYS A 341 3.80 23.64 5.53
N ASP A 342 3.58 24.91 5.28
CA ASP A 342 4.47 25.95 5.78
C ASP A 342 4.28 26.50 7.19
N SER A 343 3.30 25.99 7.93
CA SER A 343 3.06 26.47 9.28
C SER A 343 3.06 25.32 10.28
N GLU A 344 3.30 25.65 11.54
CA GLU A 344 3.34 24.65 12.59
C GLU A 344 1.97 23.99 12.72
N SER A 345 1.01 24.43 11.93
CA SER A 345 -0.34 23.89 11.97
C SER A 345 -0.84 23.60 13.36
N LYS A 346 -0.89 24.65 14.19
CA LYS A 346 -1.38 24.52 15.56
C LYS A 346 -2.91 24.60 15.51
N ILE A 347 -3.53 23.50 15.12
CA ILE A 347 -4.98 23.43 15.00
C ILE A 347 -5.76 23.92 16.21
N SER A 348 -6.69 24.82 15.93
CA SER A 348 -7.56 25.40 16.95
C SER A 348 -8.55 24.32 17.33
N ARG A 349 -9.26 24.56 18.43
CA ARG A 349 -10.26 23.61 18.87
C ARG A 349 -11.40 23.56 17.84
N GLU A 350 -11.88 24.71 17.42
CA GLU A 350 -12.99 24.76 16.46
C GLU A 350 -12.64 23.92 15.25
N ASP A 351 -11.35 23.79 14.95
CA ASP A 351 -10.95 22.98 13.82
C ASP A 351 -10.61 21.55 14.20
N PHE A 352 -10.20 21.34 15.45
CA PHE A 352 -9.89 20.00 15.91
C PHE A 352 -11.14 19.18 15.68
N MET A 353 -12.28 19.71 16.09
CA MET A 353 -13.55 19.02 15.91
C MET A 353 -13.93 18.90 14.43
N SER A 354 -13.34 19.73 13.59
CA SER A 354 -13.61 19.65 12.15
C SER A 354 -12.74 18.48 11.69
N GLY A 355 -11.61 18.30 12.37
CA GLY A 355 -10.71 17.21 12.03
C GLY A 355 -11.45 15.94 12.34
N VAL A 356 -11.84 15.77 13.61
CA VAL A 356 -12.54 14.55 14.03
C VAL A 356 -13.73 14.22 13.15
N LYS A 357 -14.37 15.23 12.57
CA LYS A 357 -15.52 14.97 11.71
C LYS A 357 -14.99 14.28 10.45
N LEU A 358 -13.92 14.81 9.89
CA LEU A 358 -13.33 14.25 8.68
C LEU A 358 -12.68 12.90 8.86
N SER A 359 -12.06 12.68 10.01
CA SER A 359 -11.38 11.42 10.28
C SER A 359 -12.37 10.28 10.44
N VAL A 360 -13.42 10.50 11.23
CA VAL A 360 -14.42 9.49 11.50
C VAL A 360 -15.73 9.86 10.80
N PRO A 361 -15.73 9.90 9.46
CA PRO A 361 -16.92 10.25 8.67
C PRO A 361 -18.15 9.41 8.89
N HIS A 362 -18.01 8.27 9.54
CA HIS A 362 -19.17 7.42 9.78
C HIS A 362 -19.80 7.69 11.14
N ALA A 363 -18.96 8.14 12.07
CA ALA A 363 -19.38 8.41 13.43
C ALA A 363 -20.50 9.41 13.55
N ASN A 364 -21.49 9.05 14.36
CA ASN A 364 -22.60 9.92 14.63
C ASN A 364 -22.06 10.87 15.69
N ASP A 365 -22.85 11.86 16.10
CA ASP A 365 -22.40 12.83 17.10
C ASP A 365 -21.76 12.16 18.31
N LEU A 366 -22.41 11.13 18.83
CA LEU A 366 -21.86 10.43 19.98
C LEU A 366 -20.53 9.82 19.61
N GLY A 367 -20.45 9.32 18.39
CA GLY A 367 -19.21 8.73 17.92
C GLY A 367 -18.14 9.77 18.05
N LEU A 368 -18.34 10.90 17.37
CA LEU A 368 -17.40 12.01 17.39
C LEU A 368 -17.10 12.41 18.83
N ASP A 369 -18.13 12.37 19.67
CA ASP A 369 -17.96 12.72 21.08
C ASP A 369 -16.98 11.78 21.75
N ALA A 370 -17.15 10.47 21.54
CA ALA A 370 -16.29 9.48 22.16
C ALA A 370 -14.86 9.61 21.67
N VAL A 371 -14.72 9.92 20.39
CA VAL A 371 -13.41 10.09 19.77
C VAL A 371 -12.74 11.30 20.39
N THR A 372 -13.47 12.40 20.45
CA THR A 372 -12.98 13.63 21.02
C THR A 372 -12.58 13.41 22.46
N LEU A 373 -13.40 12.67 23.19
CA LEU A 373 -13.11 12.40 24.59
C LEU A 373 -11.77 11.70 24.73
N GLN A 374 -11.49 10.75 23.87
CA GLN A 374 -10.23 10.02 23.97
C GLN A 374 -9.02 10.82 23.53
N TYR A 375 -9.19 11.65 22.51
CA TYR A 375 -8.06 12.40 22.01
C TYR A 375 -7.83 13.81 22.53
N THR A 376 -8.79 14.34 23.24
CA THR A 376 -8.68 15.69 23.79
C THR A 376 -7.94 15.70 25.11
N ASP A 377 -7.10 16.70 25.31
CA ASP A 377 -6.34 16.81 26.56
C ASP A 377 -7.19 17.14 27.78
N TRP A 378 -8.29 17.87 27.61
CA TRP A 378 -9.19 18.23 28.72
C TRP A 378 -8.58 19.04 29.86
N MET A 379 -7.26 19.08 29.93
CA MET A 379 -6.54 19.84 30.94
C MET A 379 -5.78 20.90 30.16
N ASP A 380 -6.12 21.04 28.88
CA ASP A 380 -5.47 21.96 27.96
C ASP A 380 -6.17 21.78 26.61
N ASP A 381 -7.50 21.67 26.66
CA ASP A 381 -8.34 21.44 25.48
C ASP A 381 -8.38 22.54 24.44
N ASN A 382 -7.34 23.35 24.39
CA ASN A 382 -7.28 24.45 23.42
C ASN A 382 -5.90 24.49 22.83
N ASN A 383 -4.97 23.71 23.39
CA ASN A 383 -3.60 23.70 22.91
C ASN A 383 -3.56 23.38 21.44
N GLY A 384 -3.02 24.31 20.66
CA GLY A 384 -2.93 24.13 19.23
C GLY A 384 -2.19 22.86 18.92
N ILE A 385 -1.00 22.73 19.52
CA ILE A 385 -0.17 21.56 19.31
C ILE A 385 -0.93 20.30 19.68
N LYS A 386 -1.36 20.21 20.93
CA LYS A 386 -2.09 19.03 21.39
C LYS A 386 -3.23 18.68 20.44
N ASN A 387 -3.96 19.66 19.95
CA ASN A 387 -5.06 19.39 19.04
C ASN A 387 -4.53 18.87 17.72
N ARG A 388 -3.40 19.40 17.28
CA ARG A 388 -2.80 18.99 16.02
C ARG A 388 -2.39 17.54 16.10
N ASP A 389 -1.58 17.22 17.10
CA ASP A 389 -1.09 15.87 17.31
C ASP A 389 -2.24 14.94 17.60
N GLY A 390 -3.26 15.45 18.29
CA GLY A 390 -4.41 14.63 18.61
C GLY A 390 -5.03 14.10 17.34
N LEU A 391 -5.15 14.96 16.33
CA LEU A 391 -5.72 14.55 15.06
C LEU A 391 -4.75 13.64 14.34
N ASP A 392 -3.47 13.95 14.47
CA ASP A 392 -2.43 13.15 13.83
C ASP A 392 -2.53 11.72 14.30
N ASP A 393 -3.23 11.51 15.41
CA ASP A 393 -3.47 10.20 16.00
C ASP A 393 -4.86 9.66 15.68
N ILE A 394 -5.88 10.50 15.75
CA ILE A 394 -7.22 10.04 15.43
C ILE A 394 -7.15 9.43 14.03
N VAL A 395 -6.56 10.18 13.10
CA VAL A 395 -6.40 9.75 11.72
C VAL A 395 -5.41 8.60 11.63
N GLY A 396 -4.35 8.68 12.41
CA GLY A 396 -3.33 7.64 12.39
C GLY A 396 -3.85 6.33 12.92
N ASP A 397 -4.23 6.33 14.20
CA ASP A 397 -4.73 5.14 14.85
C ASP A 397 -5.95 4.61 14.10
N HIS A 398 -6.99 5.42 13.98
CA HIS A 398 -8.20 4.98 13.32
C HIS A 398 -8.06 4.36 11.95
N ASN A 399 -7.22 4.96 11.10
CA ASN A 399 -7.02 4.50 9.75
C ASN A 399 -5.94 3.49 9.49
N VAL A 400 -4.82 3.57 10.18
CA VAL A 400 -3.75 2.62 9.93
C VAL A 400 -3.28 1.76 11.09
N ILE A 401 -3.07 2.37 12.26
CA ILE A 401 -2.59 1.58 13.39
C ILE A 401 -3.60 0.60 13.92
N CYS A 402 -4.77 1.08 14.31
CA CYS A 402 -5.76 0.19 14.87
C CYS A 402 -6.23 -0.94 13.99
N PRO A 403 -6.54 -0.68 12.71
CA PRO A 403 -6.98 -1.82 11.90
C PRO A 403 -5.83 -2.82 11.77
N LEU A 404 -4.59 -2.32 11.76
CA LEU A 404 -3.43 -3.19 11.64
C LEU A 404 -3.26 -4.01 12.92
N MET A 405 -3.49 -3.38 14.07
CA MET A 405 -3.39 -4.11 15.32
C MET A 405 -4.47 -5.18 15.37
N HIS A 406 -5.57 -4.94 14.67
CA HIS A 406 -6.64 -5.92 14.64
C HIS A 406 -6.13 -7.11 13.83
N PHE A 407 -5.79 -6.85 12.57
CA PHE A 407 -5.29 -7.88 11.67
C PHE A 407 -4.14 -8.65 12.26
N VAL A 408 -3.21 -7.94 12.90
CA VAL A 408 -2.06 -8.64 13.48
C VAL A 408 -2.55 -9.58 14.55
N ASN A 409 -3.41 -9.09 15.44
CA ASN A 409 -3.91 -9.93 16.50
C ASN A 409 -4.76 -11.09 15.99
N LYS A 410 -5.68 -10.82 15.08
CA LYS A 410 -6.55 -11.88 14.55
C LYS A 410 -5.79 -12.89 13.70
N TYR A 411 -4.73 -12.42 13.05
CA TYR A 411 -3.94 -13.31 12.21
C TYR A 411 -3.00 -14.15 13.06
N THR A 412 -2.35 -13.52 14.03
CA THR A 412 -1.42 -14.17 14.91
C THR A 412 -1.96 -15.40 15.62
N LYS A 413 -3.27 -15.48 15.79
CA LYS A 413 -3.85 -16.64 16.44
C LYS A 413 -3.96 -17.82 15.48
N PHE A 414 -3.33 -17.73 14.30
CA PHE A 414 -3.37 -18.80 13.29
C PHE A 414 -2.12 -18.86 12.38
N GLY A 415 -1.45 -17.73 12.21
CA GLY A 415 -0.30 -17.69 11.32
C GLY A 415 0.94 -18.32 11.88
N ASN A 416 1.95 -18.49 11.04
CA ASN A 416 3.18 -19.11 11.54
C ASN A 416 4.22 -18.08 11.90
N GLY A 417 3.84 -17.12 12.72
CA GLY A 417 4.79 -16.10 13.14
C GLY A 417 4.48 -14.70 12.66
N THR A 418 4.53 -13.76 13.59
CA THR A 418 4.27 -12.36 13.27
C THR A 418 5.38 -11.50 13.85
N TYR A 419 5.88 -10.58 13.04
CA TYR A 419 6.91 -9.67 13.52
C TYR A 419 6.37 -8.29 13.25
N LEU A 420 6.20 -7.53 14.32
CA LEU A 420 5.63 -6.19 14.24
C LEU A 420 6.63 -5.12 14.63
N TYR A 421 6.70 -4.06 13.84
CA TYR A 421 7.60 -2.97 14.13
C TYR A 421 6.83 -1.68 14.25
N PHE A 422 7.50 -0.66 14.78
CA PHE A 422 6.93 0.66 14.93
C PHE A 422 8.00 1.60 14.44
N PHE A 423 7.88 2.02 13.20
CA PHE A 423 8.86 2.92 12.63
C PHE A 423 8.62 4.34 13.13
N ASN A 424 9.49 4.77 14.03
CA ASN A 424 9.40 6.09 14.59
C ASN A 424 10.71 6.79 14.29
N HIS A 425 10.91 7.17 13.04
CA HIS A 425 12.12 7.86 12.64
C HIS A 425 11.86 8.85 11.53
N ARG A 426 12.09 10.13 11.82
CA ARG A 426 11.90 11.17 10.84
C ARG A 426 13.21 11.28 10.08
N ALA A 427 13.19 10.86 8.83
CA ALA A 427 14.37 10.94 8.00
C ALA A 427 14.95 12.34 8.11
N SER A 428 16.17 12.42 8.64
CA SER A 428 16.85 13.69 8.81
C SER A 428 16.85 14.59 7.57
N ASN A 429 16.68 14.00 6.39
CA ASN A 429 16.68 14.80 5.19
C ASN A 429 15.29 15.00 4.62
N LEU A 430 14.28 14.83 5.46
CA LEU A 430 12.89 14.98 5.01
C LEU A 430 12.66 16.40 4.56
N VAL A 431 11.71 16.59 3.65
CA VAL A 431 11.40 17.93 3.16
C VAL A 431 10.06 18.44 3.68
N TRP A 432 9.31 17.54 4.30
CA TRP A 432 8.01 17.86 4.85
C TRP A 432 8.20 18.51 6.20
N PRO A 433 7.19 19.25 6.66
CA PRO A 433 7.22 19.93 7.95
C PRO A 433 7.52 18.97 9.09
N GLU A 434 8.27 19.46 10.07
CA GLU A 434 8.65 18.68 11.22
C GLU A 434 7.44 18.20 12.02
N TRP A 435 6.34 18.95 11.97
CA TRP A 435 5.15 18.60 12.74
C TRP A 435 4.48 17.31 12.27
N MET A 436 4.61 17.04 10.98
CA MET A 436 4.01 15.82 10.43
C MET A 436 4.76 14.63 11.01
N GLY A 437 5.98 14.87 11.44
CA GLY A 437 6.80 13.83 12.05
C GLY A 437 7.10 12.67 11.12
N VAL A 438 7.10 11.46 11.68
CA VAL A 438 7.37 10.25 10.92
C VAL A 438 6.13 10.01 10.06
N ILE A 439 6.22 10.45 8.81
CA ILE A 439 5.11 10.37 7.87
C ILE A 439 4.83 9.02 7.24
N HIS A 440 3.55 8.77 7.04
CA HIS A 440 3.03 7.58 6.42
C HIS A 440 3.66 7.50 5.04
N GLY A 441 4.40 6.43 4.79
CA GLY A 441 5.02 6.24 3.50
C GLY A 441 6.45 6.67 3.48
N TYR A 442 6.99 7.06 4.62
CA TYR A 442 8.38 7.50 4.65
C TYR A 442 9.39 6.52 5.22
N GLU A 443 8.96 5.27 5.34
CA GLU A 443 9.84 4.21 5.82
C GLU A 443 10.31 3.46 4.58
N ILE A 444 9.59 3.65 3.48
CA ILE A 444 9.89 3.01 2.21
C ILE A 444 11.31 3.33 1.78
N GLU A 445 11.64 4.62 1.69
CA GLU A 445 12.98 5.03 1.27
C GLU A 445 14.05 4.33 2.08
N PHE A 446 13.68 3.80 3.24
CA PHE A 446 14.63 3.08 4.07
C PHE A 446 14.59 1.61 3.65
N VAL A 447 13.39 1.06 3.58
CA VAL A 447 13.20 -0.32 3.15
C VAL A 447 13.87 -0.56 1.80
N PHE A 448 13.92 0.48 0.96
CA PHE A 448 14.53 0.38 -0.36
C PHE A 448 15.95 0.89 -0.44
N GLY A 449 16.58 0.91 0.73
CA GLY A 449 17.96 1.31 0.88
C GLY A 449 18.43 2.64 0.34
N LEU A 450 17.53 3.59 0.16
CA LEU A 450 17.91 4.91 -0.36
C LEU A 450 19.03 5.60 0.42
N PRO A 451 19.03 5.51 1.76
CA PRO A 451 20.10 6.15 2.53
C PRO A 451 21.48 5.75 2.04
N LEU A 452 21.56 4.62 1.35
CA LEU A 452 22.83 4.12 0.83
C LEU A 452 23.45 5.10 -0.15
N VAL A 453 22.65 5.58 -1.10
CA VAL A 453 23.17 6.53 -2.06
C VAL A 453 23.48 7.85 -1.33
N LYS A 454 24.76 8.20 -1.27
CA LYS A 454 25.21 9.42 -0.60
C LYS A 454 24.62 10.69 -1.19
N GLU A 455 24.29 10.64 -2.47
CA GLU A 455 23.75 11.79 -3.19
C GLU A 455 22.46 12.29 -2.59
N LEU A 456 21.71 11.40 -1.94
CA LEU A 456 20.43 11.79 -1.33
C LEU A 456 20.68 12.25 0.10
N ASN A 457 21.95 12.23 0.47
CA ASN A 457 22.46 12.61 1.77
C ASN A 457 21.65 12.42 3.04
N TYR A 458 21.77 11.23 3.61
CA TYR A 458 21.14 10.88 4.87
C TYR A 458 22.32 10.76 5.80
N THR A 459 22.09 10.94 7.09
CA THR A 459 23.16 10.83 8.06
C THR A 459 23.60 9.37 8.06
N ALA A 460 24.90 9.13 8.20
CA ALA A 460 25.44 7.77 8.25
C ALA A 460 24.58 6.88 9.15
N GLU A 461 24.16 7.43 10.29
CA GLU A 461 23.33 6.69 11.23
C GLU A 461 22.09 6.10 10.58
N GLU A 462 21.55 6.80 9.59
CA GLU A 462 20.37 6.35 8.86
C GLU A 462 20.71 5.31 7.81
N GLU A 463 21.89 5.41 7.21
CA GLU A 463 22.31 4.43 6.23
C GLU A 463 22.29 3.12 6.99
N ALA A 464 22.75 3.20 8.23
CA ALA A 464 22.77 2.05 9.11
C ALA A 464 21.35 1.52 9.21
N LEU A 465 20.45 2.37 9.71
CA LEU A 465 19.05 1.97 9.85
C LEU A 465 18.52 1.35 8.57
N SER A 466 18.86 1.93 7.43
CA SER A 466 18.40 1.42 6.15
C SER A 466 18.82 -0.04 6.04
N ARG A 467 20.13 -0.27 6.09
CA ARG A 467 20.67 -1.62 5.99
C ARG A 467 20.04 -2.56 7.02
N ARG A 468 19.75 -2.06 8.22
CA ARG A 468 19.13 -2.90 9.24
C ARG A 468 17.75 -3.28 8.77
N ILE A 469 17.02 -2.31 8.27
CA ILE A 469 15.67 -2.54 7.81
C ILE A 469 15.63 -3.49 6.61
N MET A 470 16.49 -3.24 5.63
CA MET A 470 16.55 -4.08 4.44
C MET A 470 16.95 -5.49 4.80
N HIS A 471 17.81 -5.64 5.80
CA HIS A 471 18.25 -6.98 6.18
C HIS A 471 17.08 -7.66 6.88
N TYR A 472 16.38 -6.90 7.73
CA TYR A 472 15.21 -7.40 8.45
C TYR A 472 14.21 -7.93 7.42
N TRP A 473 14.01 -7.14 6.37
CA TRP A 473 13.09 -7.49 5.33
C TRP A 473 13.58 -8.72 4.58
N ALA A 474 14.78 -8.63 4.00
CA ALA A 474 15.37 -9.71 3.23
C ALA A 474 15.46 -10.99 4.02
N THR A 475 16.19 -10.96 5.13
CA THR A 475 16.35 -12.13 5.98
C THR A 475 14.99 -12.78 6.28
N PHE A 476 13.95 -11.95 6.38
CA PHE A 476 12.60 -12.43 6.63
C PHE A 476 12.03 -13.08 5.36
N ALA A 477 12.26 -12.46 4.21
CA ALA A 477 11.74 -13.00 2.97
C ALA A 477 12.33 -14.38 2.72
N LYS A 478 13.61 -14.54 3.07
CA LYS A 478 14.31 -15.82 2.92
C LYS A 478 13.84 -16.78 4.00
N THR A 479 14.27 -16.56 5.23
CA THR A 479 13.92 -17.45 6.33
C THR A 479 12.53 -17.38 6.94
N GLY A 480 11.86 -16.26 6.85
CA GLY A 480 10.54 -16.16 7.46
C GLY A 480 10.65 -15.62 8.88
N ASN A 481 11.88 -15.22 9.21
CA ASN A 481 12.23 -14.64 10.49
C ASN A 481 13.12 -13.46 10.09
N PRO A 482 12.88 -12.28 10.66
CA PRO A 482 13.69 -11.09 10.32
C PRO A 482 15.12 -11.18 10.85
N ASN A 483 15.31 -12.05 11.83
CA ASN A 483 16.61 -12.27 12.46
C ASN A 483 17.45 -13.35 11.78
N GLU A 484 18.77 -13.14 11.72
CA GLU A 484 19.67 -14.12 11.10
C GLU A 484 20.41 -14.94 12.15
N SER A 490 18.20 -6.50 20.06
CA SER A 490 18.88 -7.68 19.47
C SER A 490 17.86 -8.53 18.70
N LYS A 491 17.33 -9.56 19.34
CA LYS A 491 16.35 -10.42 18.69
C LYS A 491 15.08 -9.64 18.47
N TRP A 492 14.53 -9.69 17.26
CA TRP A 492 13.28 -8.99 16.97
C TRP A 492 12.19 -9.97 17.42
N PRO A 493 11.62 -9.76 18.61
CA PRO A 493 10.58 -10.59 19.20
C PRO A 493 9.45 -10.99 18.26
N LEU A 494 8.91 -12.18 18.47
CA LEU A 494 7.81 -12.65 17.67
C LEU A 494 6.62 -11.96 18.29
N PHE A 495 5.58 -11.73 17.53
CA PHE A 495 4.43 -11.07 18.10
C PHE A 495 3.51 -12.18 18.52
N THR A 496 3.15 -12.15 19.79
CA THR A 496 2.27 -13.15 20.37
C THR A 496 1.12 -12.44 21.05
N THR A 497 -0.09 -12.93 20.85
CA THR A 497 -1.27 -12.34 21.46
C THR A 497 -1.17 -12.19 22.98
N LYS A 498 -0.37 -13.04 23.61
CA LYS A 498 -0.20 -12.98 25.05
C LYS A 498 0.61 -11.77 25.50
N GLU A 499 1.84 -11.66 25.00
CA GLU A 499 2.74 -10.56 25.34
C GLU A 499 2.69 -9.34 24.40
N GLN A 500 2.49 -9.58 23.11
CA GLN A 500 2.37 -8.52 22.11
C GLN A 500 3.60 -7.64 21.91
N LYS A 501 4.77 -8.25 21.93
CA LYS A 501 6.01 -7.53 21.73
C LYS A 501 6.11 -7.08 20.28
N PHE A 502 6.77 -5.92 20.09
CA PHE A 502 7.02 -5.32 18.78
C PHE A 502 8.24 -4.45 19.01
N ILE A 503 8.87 -3.99 17.95
CA ILE A 503 10.05 -3.16 18.16
C ILE A 503 10.00 -1.84 17.44
N ASP A 504 10.77 -0.90 17.97
CA ASP A 504 10.88 0.41 17.38
C ASP A 504 11.88 0.24 16.24
N LEU A 505 11.63 0.91 15.13
CA LEU A 505 12.51 0.81 14.01
C LEU A 505 13.12 2.17 13.80
N ASN A 506 14.10 2.48 14.62
CA ASN A 506 14.77 3.74 14.53
C ASN A 506 16.26 3.55 14.67
N THR A 507 16.98 4.66 14.59
CA THR A 507 18.41 4.69 14.67
C THR A 507 18.93 4.36 16.07
N GLU A 508 18.04 4.41 17.06
CA GLU A 508 18.41 4.10 18.42
C GLU A 508 18.44 2.58 18.57
N PRO A 509 19.13 2.07 19.60
CA PRO A 509 19.22 0.63 19.82
C PRO A 509 17.81 0.04 19.87
N MET A 510 17.50 -0.78 18.87
CA MET A 510 16.21 -1.45 18.74
C MET A 510 15.66 -1.96 20.07
N LYS A 511 14.72 -1.22 20.62
CA LYS A 511 14.08 -1.56 21.89
C LYS A 511 12.81 -2.36 21.66
N VAL A 512 12.36 -3.08 22.68
CA VAL A 512 11.15 -3.87 22.55
C VAL A 512 10.04 -3.27 23.38
N HIS A 513 8.86 -3.16 22.78
CA HIS A 513 7.71 -2.61 23.47
C HIS A 513 6.58 -3.62 23.32
N GLN A 514 5.49 -3.39 24.04
CA GLN A 514 4.37 -4.31 23.97
C GLN A 514 3.05 -3.59 23.83
N ARG A 515 2.19 -4.13 22.98
CA ARG A 515 0.86 -3.59 22.78
C ARG A 515 0.84 -2.21 22.18
N LEU A 516 1.11 -2.12 20.88
CA LEU A 516 1.09 -0.84 20.17
C LEU A 516 -0.22 -0.13 20.47
N ARG A 517 -0.14 1.20 20.69
CA ARG A 517 -1.26 2.09 21.00
C ARG A 517 -2.45 1.26 21.44
N VAL A 518 -2.31 0.55 22.56
CA VAL A 518 -3.38 -0.31 23.05
C VAL A 518 -4.62 0.40 23.58
N GLN A 519 -4.45 1.34 24.51
CA GLN A 519 -5.59 2.08 25.08
C GLN A 519 -6.49 2.59 23.94
N MET A 520 -5.87 3.22 22.95
CA MET A 520 -6.59 3.77 21.83
C MET A 520 -7.27 2.70 20.99
N CYS A 521 -6.47 1.80 20.42
CA CYS A 521 -7.01 0.72 19.57
C CYS A 521 -8.11 -0.12 20.22
N VAL A 522 -8.16 -0.18 21.55
CA VAL A 522 -9.23 -0.93 22.18
C VAL A 522 -10.49 -0.12 21.93
N PHE A 523 -10.37 1.20 22.06
CA PHE A 523 -11.50 2.10 21.83
C PHE A 523 -11.88 2.06 20.36
N TRP A 524 -10.87 2.07 19.50
CA TRP A 524 -11.11 2.04 18.07
C TRP A 524 -11.68 0.73 17.58
N ASN A 525 -11.00 -0.35 17.92
CA ASN A 525 -11.41 -1.69 17.51
C ASN A 525 -12.50 -2.36 18.32
N GLN A 526 -12.69 -1.96 19.57
CA GLN A 526 -13.72 -2.58 20.39
C GLN A 526 -14.89 -1.68 20.77
N PHE A 527 -14.60 -0.54 21.40
CA PHE A 527 -15.64 0.38 21.82
C PHE A 527 -16.35 1.20 20.73
N LEU A 528 -15.62 2.06 20.03
CA LEU A 528 -16.20 2.89 18.99
C LEU A 528 -17.21 2.19 18.10
N PRO A 529 -16.82 1.08 17.46
CA PRO A 529 -17.79 0.40 16.59
C PRO A 529 -18.97 -0.14 17.36
N LYS A 530 -18.72 -0.56 18.60
CA LYS A 530 -19.80 -1.09 19.41
C LYS A 530 -20.74 0.05 19.74
N LEU A 531 -20.17 1.22 20.01
CA LEU A 531 -20.96 2.40 20.34
C LEU A 531 -21.81 2.67 19.10
N LEU A 532 -21.14 2.89 17.97
CA LEU A 532 -21.79 3.18 16.71
C LEU A 532 -22.92 2.23 16.34
N ASN A 533 -22.78 0.95 16.68
CA ASN A 533 -23.83 -0.02 16.36
C ASN A 533 -25.05 0.19 17.27
N ALA A 534 -24.77 0.48 18.53
CA ALA A 534 -25.82 0.70 19.50
C ALA A 534 -26.58 1.99 19.22
N THR A 535 -25.85 3.10 19.08
CA THR A 535 -26.46 4.40 18.81
C THR A 535 -26.85 4.55 17.34
HG HG B . 22.04 -8.37 4.99
HG HG C . -4.55 -1.42 6.75
#